data_3NHK
#
_entry.id   3NHK
#
_cell.length_a   56.751
_cell.length_b   83.661
_cell.length_c   106.513
_cell.angle_alpha   90.000
_cell.angle_beta   90.000
_cell.angle_gamma   90.000
#
_symmetry.space_group_name_H-M   'P 21 21 21'
#
loop_
_entity.id
_entity.type
_entity.pdbx_description
1 polymer 'Ribosyldihydronicotinamide dehydrogenase [quinone]'
2 non-polymer 'ZINC ION'
3 non-polymer 'FLAVIN-ADENINE DINUCLEOTIDE'
4 non-polymer 6,7,8-trimethoxy-1,4-dimethylquinolin-2(1H)-one
5 water water
#
_entity_poly.entity_id   1
_entity_poly.type   'polypeptide(L)'
_entity_poly.pdbx_seq_one_letter_code
;AGKKVLIVYAHQEPKSFNGSLKNVAVDELSRQGCTVTVSDLYAMNFEPRATDKDITGTLSNPEVFNYGVETHEAYKQRSL
ASDITDEQKKVREADLVIFQFPLYWFSVPAILKGWMDRVLCQGFAFDIPGFYDSGLLQGKLALLSVTTGGTAEMYTKTGV
NGDSRYFLWPLQHGTLHFCGFKVLAPQISFAPEIASEEERKGMVAAWSQRLQTIWKEEPIPCTAHWHFGQ
;
_entity_poly.pdbx_strand_id   A,B
#
loop_
_chem_comp.id
_chem_comp.type
_chem_comp.name
_chem_comp.formula
FAD non-polymer 'FLAVIN-ADENINE DINUCLEOTIDE' 'C27 H33 N9 O15 P2'
VAP non-polymer 6,7,8-trimethoxy-1,4-dimethylquinolin-2(1H)-one 'C14 H17 N O4'
ZN non-polymer 'ZINC ION' 'Zn 2'
#
# COMPACT_ATOMS: atom_id res chain seq x y z
N ALA A 1 1.64 -20.01 29.54
CA ALA A 1 0.32 -19.20 29.41
C ALA A 1 0.40 -17.69 29.79
N GLY A 2 1.34 -16.97 29.19
CA GLY A 2 1.98 -17.41 27.95
C GLY A 2 1.26 -16.56 26.92
N LYS A 3 1.95 -16.22 25.86
CA LYS A 3 1.35 -15.38 24.88
C LYS A 3 1.51 -16.10 23.55
N LYS A 4 0.63 -15.77 22.62
CA LYS A 4 0.74 -16.17 21.24
C LYS A 4 1.18 -14.97 20.35
N VAL A 5 2.15 -15.25 19.48
CA VAL A 5 2.66 -14.27 18.54
C VAL A 5 2.56 -14.77 17.10
N LEU A 6 2.05 -13.88 16.24
CA LEU A 6 2.00 -14.14 14.82
C LEU A 6 2.94 -13.14 14.14
N ILE A 7 3.88 -13.67 13.37
CA ILE A 7 4.77 -12.84 12.55
C ILE A 7 4.25 -13.00 11.09
N VAL A 8 3.81 -11.89 10.50
CA VAL A 8 3.47 -11.85 9.07
C VAL A 8 4.71 -11.23 8.39
N TYR A 9 5.35 -12.02 7.55
CA TYR A 9 6.67 -11.72 7.13
C TYR A 9 6.64 -11.68 5.59
N ALA A 10 7.23 -10.64 5.01
CA ALA A 10 7.04 -10.38 3.54
C ALA A 10 8.44 -10.06 2.93
N HIS A 11 9.21 -11.10 2.71
CA HIS A 11 10.47 -10.94 1.99
C HIS A 11 10.81 -12.22 1.21
N GLN A 12 11.34 -12.06 -0.01
CA GLN A 12 11.55 -13.18 -0.91
C GLN A 12 12.76 -14.02 -0.53
N GLU A 13 13.68 -13.43 0.22
CA GLU A 13 14.98 -14.05 0.46
C GLU A 13 15.29 -14.40 1.96
N PRO A 14 15.33 -15.71 2.30
CA PRO A 14 15.71 -16.27 3.61
C PRO A 14 16.99 -15.62 4.15
N LYS A 15 17.98 -15.37 3.29
CA LYS A 15 19.29 -14.81 3.81
C LYS A 15 19.29 -13.30 3.94
N SER A 16 18.15 -12.65 3.69
CA SER A 16 18.15 -11.18 3.73
C SER A 16 18.13 -10.69 5.14
N PHE A 17 18.32 -9.38 5.28
CA PHE A 17 18.25 -8.74 6.57
C PHE A 17 16.88 -8.86 7.20
N ASN A 18 15.82 -8.71 6.38
CA ASN A 18 14.44 -9.04 6.85
C ASN A 18 14.36 -10.43 7.39
N GLY A 19 14.96 -11.38 6.67
CA GLY A 19 14.88 -12.76 7.10
C GLY A 19 15.57 -13.01 8.45
N SER A 20 16.72 -12.39 8.62
CA SER A 20 17.45 -12.45 9.90
C SER A 20 16.65 -11.83 11.00
N LEU A 21 16.03 -10.69 10.72
CA LEU A 21 15.15 -10.07 11.72
C LEU A 21 14.01 -10.96 12.09
N LYS A 22 13.40 -11.61 11.11
CA LYS A 22 12.30 -12.53 11.41
C LYS A 22 12.81 -13.70 12.30
N ASN A 23 13.95 -14.29 11.92
CA ASN A 23 14.57 -15.42 12.63
C ASN A 23 15.01 -15.12 14.06
N VAL A 24 15.55 -13.92 14.30
CA VAL A 24 15.72 -13.39 15.68
C VAL A 24 14.45 -13.29 16.48
N ALA A 25 13.39 -12.73 15.90
CA ALA A 25 12.12 -12.75 16.58
C ALA A 25 11.65 -14.17 16.91
N VAL A 26 11.64 -15.07 15.92
CA VAL A 26 11.22 -16.45 16.21
C VAL A 26 12.09 -17.02 17.37
N ASP A 27 13.40 -16.85 17.31
CA ASP A 27 14.31 -17.48 18.31
C ASP A 27 14.09 -16.87 19.68
N GLU A 28 14.18 -15.52 19.76
CA GLU A 28 13.95 -14.84 21.05
C GLU A 28 12.56 -15.11 21.68
N LEU A 29 11.48 -15.01 20.89
CA LEU A 29 10.16 -15.22 21.45
C LEU A 29 9.95 -16.73 21.80
N SER A 30 10.55 -17.61 21.00
CA SER A 30 10.49 -19.04 21.30
C SER A 30 11.25 -19.34 22.63
N ARG A 31 12.45 -18.78 22.79
CA ARG A 31 13.22 -18.87 24.03
C ARG A 31 12.41 -18.47 25.26
N GLN A 32 11.56 -17.45 25.09
CA GLN A 32 10.83 -16.89 26.20
C GLN A 32 9.67 -17.79 26.54
N GLY A 33 9.34 -18.78 25.70
CA GLY A 33 8.27 -19.69 26.06
C GLY A 33 7.02 -19.37 25.29
N CYS A 34 7.08 -18.29 24.47
CA CYS A 34 5.92 -17.84 23.70
C CYS A 34 5.53 -18.85 22.63
N THR A 35 4.24 -18.89 22.29
CA THR A 35 3.73 -19.64 21.12
C THR A 35 3.91 -18.79 19.85
N VAL A 36 4.64 -19.30 18.86
CA VAL A 36 5.03 -18.49 17.70
C VAL A 36 4.57 -19.15 16.40
N THR A 37 3.95 -18.35 15.52
CA THR A 37 3.55 -18.79 14.18
C THR A 37 4.12 -17.78 13.20
N VAL A 38 4.60 -18.22 12.03
CA VAL A 38 5.04 -17.27 11.00
C VAL A 38 4.15 -17.48 9.72
N SER A 39 3.59 -16.40 9.20
CA SER A 39 3.06 -16.40 7.85
C SER A 39 4.12 -15.87 6.86
N ASP A 40 4.83 -16.78 6.20
CA ASP A 40 5.80 -16.38 5.19
C ASP A 40 5.06 -16.21 3.84
N LEU A 41 4.60 -14.99 3.59
CA LEU A 41 3.71 -14.72 2.44
C LEU A 41 4.28 -15.14 1.10
N TYR A 42 5.56 -14.86 0.85
CA TYR A 42 6.02 -15.21 -0.49
C TYR A 42 6.17 -16.73 -0.66
N ALA A 43 6.63 -17.41 0.40
CA ALA A 43 6.75 -18.88 0.40
C ALA A 43 5.37 -19.49 0.29
N MET A 44 4.35 -18.80 0.78
CA MET A 44 2.95 -19.30 0.67
C MET A 44 2.38 -18.94 -0.71
N ASN A 45 3.18 -18.20 -1.49
CA ASN A 45 2.61 -17.57 -2.70
C ASN A 45 1.25 -16.92 -2.38
N PHE A 46 1.18 -16.18 -1.25
CA PHE A 46 -0.10 -15.61 -0.76
C PHE A 46 -0.82 -14.75 -1.82
N GLU A 47 -2.12 -15.01 -2.03
CA GLU A 47 -2.88 -14.21 -3.02
C GLU A 47 -3.12 -12.73 -2.56
N PRO A 48 -2.59 -11.72 -3.26
CA PRO A 48 -2.88 -10.34 -2.83
C PRO A 48 -4.11 -9.68 -3.40
N ARG A 49 -4.72 -10.26 -4.46
CA ARG A 49 -5.83 -9.54 -5.09
C ARG A 49 -7.13 -9.79 -4.41
N ALA A 50 -7.91 -8.73 -4.27
CA ALA A 50 -9.27 -8.80 -3.74
C ALA A 50 -10.18 -9.17 -4.89
N THR A 51 -10.54 -10.44 -5.01
CA THR A 51 -11.42 -10.82 -6.10
C THR A 51 -12.56 -11.65 -5.58
N ASP A 52 -13.53 -11.89 -6.47
CA ASP A 52 -14.66 -12.81 -6.22
C ASP A 52 -14.33 -14.28 -5.95
N LYS A 53 -13.07 -14.71 -6.19
CA LYS A 53 -12.58 -15.96 -5.67
C LYS A 53 -12.44 -16.02 -4.18
N ASP A 54 -12.54 -14.87 -3.51
CA ASP A 54 -12.39 -14.82 -2.04
C ASP A 54 -13.60 -15.38 -1.32
N ILE A 55 -14.68 -15.59 -2.09
CA ILE A 55 -15.94 -16.09 -1.55
C ILE A 55 -16.27 -17.41 -2.20
N THR A 56 -16.64 -18.41 -1.39
CA THR A 56 -16.90 -19.76 -1.92
C THR A 56 -18.40 -19.96 -2.15
N GLY A 57 -18.77 -20.85 -3.06
CA GLY A 57 -20.21 -21.09 -3.31
C GLY A 57 -20.79 -19.83 -3.96
N THR A 58 -22.05 -19.50 -3.72
CA THR A 58 -22.67 -18.49 -4.59
C THR A 58 -22.80 -17.11 -3.95
N LEU A 59 -22.75 -16.07 -4.79
CA LEU A 59 -22.57 -14.74 -4.25
C LEU A 59 -23.86 -14.10 -3.77
N SER A 60 -23.74 -13.19 -2.81
CA SER A 60 -24.86 -12.44 -2.28
C SER A 60 -25.60 -11.61 -3.36
N ASN A 61 -24.87 -11.13 -4.38
CA ASN A 61 -25.42 -10.39 -5.52
C ASN A 61 -24.57 -10.63 -6.76
N PRO A 62 -24.92 -11.66 -7.56
CA PRO A 62 -24.01 -12.02 -8.62
C PRO A 62 -24.13 -11.12 -9.88
N GLU A 63 -24.82 -9.99 -9.78
CA GLU A 63 -25.02 -9.10 -10.95
C GLU A 63 -24.09 -7.91 -10.92
N VAL A 64 -23.92 -7.38 -9.71
CA VAL A 64 -23.01 -6.28 -9.42
C VAL A 64 -22.08 -6.81 -8.27
N PHE A 65 -20.78 -6.91 -8.51
CA PHE A 65 -19.86 -7.43 -7.49
C PHE A 65 -19.33 -6.29 -6.61
N ASN A 66 -19.58 -6.34 -5.31
CA ASN A 66 -19.07 -5.36 -4.35
C ASN A 66 -18.21 -6.17 -3.38
N TYR A 67 -16.92 -5.94 -3.38
CA TYR A 67 -15.99 -6.80 -2.61
C TYR A 67 -16.26 -6.72 -1.07
N GLY A 68 -16.37 -5.50 -0.55
CA GLY A 68 -16.69 -5.21 0.87
C GLY A 68 -17.91 -5.94 1.35
N VAL A 69 -19.02 -5.72 0.65
CA VAL A 69 -20.30 -6.33 1.03
C VAL A 69 -20.18 -7.84 0.95
N GLU A 70 -19.66 -8.38 -0.15
CA GLU A 70 -19.63 -9.83 -0.32
C GLU A 70 -18.74 -10.60 0.67
N THR A 71 -17.62 -9.99 1.06
CA THR A 71 -16.72 -10.60 2.04
C THR A 71 -17.28 -10.44 3.45
N HIS A 72 -17.91 -9.30 3.75
CA HIS A 72 -18.70 -9.19 5.00
C HIS A 72 -19.75 -10.31 5.15
N GLU A 73 -20.58 -10.47 4.12
CA GLU A 73 -21.57 -11.54 4.09
C GLU A 73 -20.95 -12.92 4.16
N ALA A 74 -19.81 -13.13 3.50
CA ALA A 74 -19.17 -14.44 3.50
C ALA A 74 -18.54 -14.75 4.87
N TYR A 75 -18.01 -13.71 5.54
CA TYR A 75 -17.46 -13.88 6.90
C TYR A 75 -18.57 -14.37 7.88
N LYS A 76 -19.71 -13.69 7.86
CA LYS A 76 -20.89 -13.96 8.70
C LYS A 76 -21.46 -15.35 8.37
N GLN A 77 -21.39 -15.74 7.09
CA GLN A 77 -21.89 -17.03 6.64
C GLN A 77 -20.83 -18.10 6.47
N ARG A 78 -19.64 -17.91 7.03
CA ARG A 78 -18.54 -18.92 7.04
C ARG A 78 -18.25 -19.40 5.64
N SER A 79 -18.33 -18.46 4.68
CA SER A 79 -18.15 -18.76 3.26
C SER A 79 -16.89 -18.10 2.59
N LEU A 80 -15.88 -17.71 3.40
CA LEU A 80 -14.69 -17.11 2.86
C LEU A 80 -13.75 -18.18 2.36
N ALA A 81 -12.83 -17.83 1.45
CA ALA A 81 -11.84 -18.77 1.03
C ALA A 81 -10.85 -19.12 2.15
N SER A 82 -10.25 -20.31 2.07
CA SER A 82 -9.64 -20.87 3.24
C SER A 82 -8.25 -20.22 3.43
N ASP A 83 -7.62 -19.65 2.37
CA ASP A 83 -6.39 -18.89 2.65
C ASP A 83 -6.64 -17.71 3.62
N ILE A 84 -7.81 -17.08 3.49
CA ILE A 84 -8.19 -15.95 4.33
C ILE A 84 -8.53 -16.45 5.73
N THR A 85 -9.37 -17.48 5.83
CA THR A 85 -9.79 -17.98 7.15
C THR A 85 -8.62 -18.60 7.93
N ASP A 86 -7.73 -19.30 7.24
CA ASP A 86 -6.42 -19.68 7.86
C ASP A 86 -5.72 -18.48 8.54
N GLU A 87 -5.62 -17.34 7.84
CA GLU A 87 -4.93 -16.22 8.46
C GLU A 87 -5.77 -15.67 9.56
N GLN A 88 -7.07 -15.57 9.35
CA GLN A 88 -7.87 -15.03 10.44
C GLN A 88 -7.71 -15.83 11.72
N LYS A 89 -7.64 -17.16 11.60
CA LYS A 89 -7.55 -17.99 12.85
C LYS A 89 -6.24 -17.70 13.54
N LYS A 90 -5.17 -17.49 12.77
CA LYS A 90 -3.89 -17.12 13.41
C LYS A 90 -3.96 -15.75 14.10
N VAL A 91 -4.68 -14.81 13.47
CA VAL A 91 -4.81 -13.47 14.07
C VAL A 91 -5.70 -13.51 15.32
N ARG A 92 -6.83 -14.16 15.22
CA ARG A 92 -7.77 -14.31 16.33
C ARG A 92 -7.07 -14.82 17.60
N GLU A 93 -6.21 -15.82 17.42
CA GLU A 93 -5.44 -16.42 18.52
C GLU A 93 -4.23 -15.66 19.03
N ALA A 94 -3.66 -14.78 18.18
CA ALA A 94 -2.54 -13.97 18.58
C ALA A 94 -2.82 -12.90 19.68
N ASP A 95 -1.81 -12.65 20.51
CA ASP A 95 -1.81 -11.51 21.46
C ASP A 95 -1.01 -10.37 20.85
N LEU A 96 -0.07 -10.72 19.97
CA LEU A 96 0.78 -9.75 19.29
C LEU A 96 0.92 -10.13 17.82
N VAL A 97 0.77 -9.15 16.93
CA VAL A 97 1.12 -9.39 15.51
C VAL A 97 2.23 -8.52 15.12
N ILE A 98 3.32 -9.15 14.72
CA ILE A 98 4.44 -8.45 14.17
C ILE A 98 4.43 -8.58 12.65
N PHE A 99 4.56 -7.44 11.97
CA PHE A 99 4.72 -7.38 10.48
C PHE A 99 6.19 -7.08 10.25
N GLN A 100 6.84 -7.94 9.46
CA GLN A 100 8.26 -7.77 9.14
C GLN A 100 8.41 -7.61 7.63
N PHE A 101 8.80 -6.45 7.17
CA PHE A 101 8.86 -6.21 5.75
C PHE A 101 9.84 -5.05 5.41
N PRO A 102 10.39 -5.05 4.16
CA PRO A 102 11.05 -3.86 3.63
C PRO A 102 10.02 -2.82 3.19
N LEU A 103 10.34 -1.55 3.40
CA LEU A 103 9.47 -0.48 2.95
C LEU A 103 9.49 -0.49 1.39
N TYR A 104 8.31 -0.57 0.79
CA TYR A 104 8.15 -0.42 -0.67
C TYR A 104 7.26 0.79 -0.89
N TRP A 105 7.78 1.80 -1.58
CA TRP A 105 6.98 3.02 -1.89
C TRP A 105 6.26 3.60 -0.66
N PHE A 106 7.05 3.76 0.40
CA PHE A 106 6.59 4.36 1.66
C PHE A 106 5.49 3.52 2.28
N SER A 107 5.42 2.21 1.95
CA SER A 107 4.31 1.40 2.45
C SER A 107 4.73 -0.10 2.52
N VAL A 108 3.77 -1.01 2.56
CA VAL A 108 4.12 -2.44 2.67
C VAL A 108 4.20 -2.96 1.21
N PRO A 109 5.02 -4.00 0.96
CA PRO A 109 4.98 -4.65 -0.36
C PRO A 109 3.56 -5.11 -0.66
N ALA A 110 3.21 -5.09 -1.92
CA ALA A 110 1.87 -5.48 -2.34
C ALA A 110 1.42 -6.85 -1.82
N ILE A 111 2.30 -7.87 -1.71
CA ILE A 111 1.85 -9.11 -1.16
C ILE A 111 1.28 -8.94 0.27
N LEU A 112 1.96 -8.10 1.06
CA LEU A 112 1.56 -7.79 2.42
C LEU A 112 0.32 -6.83 2.40
N LYS A 113 0.27 -5.86 1.47
CA LYS A 113 -0.98 -5.05 1.34
C LYS A 113 -2.16 -5.98 1.05
N GLY A 114 -1.95 -7.05 0.24
CA GLY A 114 -3.07 -7.94 -0.12
C GLY A 114 -3.52 -8.75 1.11
N TRP A 115 -2.59 -9.13 1.99
CA TRP A 115 -2.97 -9.74 3.28
C TRP A 115 -3.82 -8.77 4.09
N MET A 116 -3.39 -7.52 4.24
N MET A 116 -3.36 -7.51 4.19
CA MET A 116 -4.28 -6.61 4.99
CA MET A 116 -4.11 -6.42 4.86
C MET A 116 -5.65 -6.48 4.30
C MET A 116 -5.54 -6.27 4.32
N ASP A 117 -5.67 -6.21 2.98
CA ASP A 117 -7.00 -6.04 2.30
C ASP A 117 -7.96 -7.21 2.49
N ARG A 118 -7.42 -8.42 2.37
CA ARG A 118 -8.19 -9.67 2.31
C ARG A 118 -8.48 -10.31 3.67
N VAL A 119 -7.52 -10.24 4.58
CA VAL A 119 -7.64 -10.91 5.88
C VAL A 119 -8.39 -9.99 6.87
N LEU A 120 -8.15 -8.70 6.81
CA LEU A 120 -8.86 -7.80 7.76
C LEU A 120 -10.26 -7.36 7.29
N CYS A 121 -11.17 -8.32 7.17
CA CYS A 121 -12.47 -8.03 6.55
C CYS A 121 -13.50 -7.54 7.59
N GLN A 122 -14.53 -6.86 7.08
CA GLN A 122 -15.68 -6.47 7.90
C GLN A 122 -16.29 -7.67 8.59
N GLY A 123 -16.48 -7.55 9.91
CA GLY A 123 -17.11 -8.60 10.73
C GLY A 123 -16.02 -9.39 11.43
N PHE A 124 -14.80 -9.30 10.92
CA PHE A 124 -13.66 -9.98 11.53
C PHE A 124 -12.85 -8.97 12.31
N ALA A 125 -12.43 -7.93 11.61
CA ALA A 125 -11.48 -6.96 12.13
C ALA A 125 -12.17 -5.64 12.56
N PHE A 126 -13.34 -5.37 11.98
CA PHE A 126 -14.05 -4.11 12.22
C PHE A 126 -15.49 -4.25 11.78
N ASP A 127 -16.32 -3.34 12.25
CA ASP A 127 -17.68 -3.19 11.78
C ASP A 127 -18.18 -1.78 12.23
N ILE A 128 -19.47 -1.57 12.03
CA ILE A 128 -20.23 -0.50 12.63
C ILE A 128 -20.97 -1.15 13.87
N PRO A 129 -20.58 -0.74 15.10
CA PRO A 129 -19.69 0.42 15.51
C PRO A 129 -18.25 0.11 15.96
N GLY A 130 -17.78 -1.11 15.77
CA GLY A 130 -16.45 -1.47 16.24
C GLY A 130 -15.31 -1.08 15.33
N PHE A 131 -14.77 0.12 15.57
CA PHE A 131 -13.66 0.64 14.78
C PHE A 131 -12.94 1.67 15.64
N TYR A 132 -11.70 1.94 15.28
CA TYR A 132 -10.74 2.67 16.11
C TYR A 132 -10.72 2.00 17.51
N ASP A 133 -10.78 2.79 18.59
CA ASP A 133 -10.76 2.23 19.97
C ASP A 133 -11.68 1.03 20.20
N SER A 134 -12.82 1.02 19.53
CA SER A 134 -13.70 -0.14 19.63
C SER A 134 -13.57 -1.19 18.48
N GLY A 135 -12.55 -1.09 17.62
CA GLY A 135 -12.36 -2.09 16.55
C GLY A 135 -12.41 -3.52 17.10
N LEU A 136 -12.63 -4.51 16.23
CA LEU A 136 -12.93 -5.85 16.72
C LEU A 136 -11.72 -6.60 17.21
N LEU A 137 -10.52 -6.03 17.01
CA LEU A 137 -9.31 -6.69 17.44
C LEU A 137 -8.75 -6.05 18.70
N GLN A 138 -9.61 -5.32 19.43
CA GLN A 138 -9.16 -4.59 20.63
C GLN A 138 -8.52 -5.59 21.58
N GLY A 139 -7.50 -5.14 22.27
CA GLY A 139 -6.87 -6.00 23.28
C GLY A 139 -5.60 -6.65 22.67
N LYS A 140 -5.52 -6.74 21.34
CA LYS A 140 -4.28 -7.29 20.69
C LYS A 140 -3.31 -6.17 20.44
N LEU A 141 -2.04 -6.51 20.35
CA LEU A 141 -0.95 -5.61 20.09
C LEU A 141 -0.45 -5.83 18.65
N ALA A 142 0.03 -4.77 18.00
CA ALA A 142 0.60 -4.94 16.68
C ALA A 142 1.82 -4.08 16.62
N LEU A 143 2.78 -4.53 15.85
CA LEU A 143 4.07 -3.91 15.74
C LEU A 143 4.65 -3.98 14.31
N LEU A 144 4.99 -2.82 13.72
CA LEU A 144 5.68 -2.79 12.41
C LEU A 144 7.18 -2.77 12.58
N SER A 145 7.83 -3.78 12.01
CA SER A 145 9.25 -3.88 11.94
C SER A 145 9.66 -3.72 10.50
N VAL A 146 10.15 -2.52 10.18
CA VAL A 146 10.33 -2.08 8.79
C VAL A 146 11.82 -1.87 8.59
N THR A 147 12.31 -2.23 7.40
CA THR A 147 13.64 -1.89 6.99
C THR A 147 13.44 -0.88 5.81
N THR A 148 14.36 0.05 5.66
CA THR A 148 14.30 1.06 4.61
C THR A 148 15.55 1.02 3.75
N GLY A 149 15.46 1.50 2.48
CA GLY A 149 16.64 1.84 1.69
C GLY A 149 17.22 3.22 2.09
N GLY A 150 16.34 4.13 2.45
CA GLY A 150 16.66 5.48 2.96
C GLY A 150 17.20 5.62 4.39
N THR A 151 18.09 6.60 4.57
CA THR A 151 18.82 6.75 5.85
C THR A 151 17.94 7.53 6.78
N ALA A 152 18.20 7.33 8.08
CA ALA A 152 17.57 8.09 9.14
C ALA A 152 17.41 9.57 8.83
N GLU A 153 18.46 10.21 8.28
CA GLU A 153 18.43 11.70 7.99
C GLU A 153 17.43 12.08 6.88
N MET A 154 17.39 11.24 5.83
CA MET A 154 16.40 11.42 4.75
C MET A 154 14.98 11.35 5.27
N TYR A 155 14.79 10.61 6.38
CA TYR A 155 13.50 10.49 7.00
C TYR A 155 13.25 11.46 8.20
N THR A 156 13.64 12.71 8.04
CA THR A 156 13.32 13.76 9.03
C THR A 156 12.30 14.73 8.42
N LYS A 157 11.67 15.56 9.26
CA LYS A 157 10.52 16.39 8.86
C LYS A 157 10.92 17.37 7.76
N THR A 158 12.21 17.73 7.74
CA THR A 158 12.70 18.66 6.75
C THR A 158 13.68 17.96 5.82
N GLY A 159 13.93 16.65 6.02
CA GLY A 159 14.68 15.83 5.07
C GLY A 159 13.84 15.52 3.84
N VAL A 160 14.46 14.99 2.77
CA VAL A 160 13.78 14.70 1.48
C VAL A 160 12.56 13.76 1.52
N ASN A 161 12.62 12.79 2.45
CA ASN A 161 11.56 11.78 2.55
C ASN A 161 10.43 12.20 3.51
N GLY A 162 10.63 13.32 4.22
CA GLY A 162 9.77 13.71 5.37
C GLY A 162 9.95 12.73 6.56
N ASP A 163 9.24 13.03 7.67
CA ASP A 163 9.32 12.23 8.91
C ASP A 163 8.86 10.77 8.66
N SER A 164 9.63 9.78 9.11
N SER A 164 9.63 9.78 9.13
CA SER A 164 9.18 8.37 9.10
CA SER A 164 9.20 8.38 9.10
C SER A 164 7.72 8.26 9.56
C SER A 164 7.76 8.22 9.60
N ARG A 165 7.34 9.05 10.56
CA ARG A 165 5.94 8.98 11.08
C ARG A 165 4.86 9.32 10.05
N TYR A 166 5.22 10.13 9.06
CA TYR A 166 4.30 10.46 7.99
C TYR A 166 3.90 9.22 7.18
N PHE A 167 4.85 8.35 6.86
CA PHE A 167 4.42 7.10 6.15
C PHE A 167 3.74 6.08 7.05
N LEU A 168 3.95 6.23 8.37
CA LEU A 168 3.44 5.22 9.28
C LEU A 168 1.94 5.34 9.43
N TRP A 169 1.40 6.52 9.15
CA TRP A 169 0.00 6.84 9.39
C TRP A 169 -1.01 5.88 8.75
N PRO A 170 -0.88 5.64 7.43
CA PRO A 170 -1.87 4.74 6.85
C PRO A 170 -1.76 3.32 7.48
N LEU A 171 -0.56 2.87 7.81
CA LEU A 171 -0.45 1.52 8.38
C LEU A 171 -0.89 1.47 9.86
N GLN A 172 -0.29 2.31 10.68
CA GLN A 172 -0.59 2.35 12.11
C GLN A 172 -1.99 2.84 12.43
N HIS A 173 -2.37 4.03 11.90
CA HIS A 173 -3.72 4.56 12.20
C HIS A 173 -4.82 4.05 11.29
N GLY A 174 -4.67 4.31 9.99
CA GLY A 174 -5.77 3.95 9.06
C GLY A 174 -6.10 2.45 9.05
N THR A 175 -5.10 1.61 9.34
CA THR A 175 -5.33 0.16 9.31
C THR A 175 -5.35 -0.49 10.74
N LEU A 176 -4.22 -0.51 11.43
CA LEU A 176 -4.12 -1.28 12.65
C LEU A 176 -4.96 -0.70 13.81
N HIS A 177 -4.83 0.59 14.06
CA HIS A 177 -5.75 1.22 15.03
C HIS A 177 -7.18 1.08 14.63
N PHE A 178 -7.49 1.26 13.36
CA PHE A 178 -8.87 1.13 12.94
C PHE A 178 -9.46 -0.19 13.34
N CYS A 179 -8.66 -1.25 13.32
CA CYS A 179 -9.18 -2.57 13.63
C CYS A 179 -9.11 -2.83 15.16
N GLY A 180 -8.71 -1.82 15.93
CA GLY A 180 -8.67 -1.96 17.38
C GLY A 180 -7.37 -2.39 17.98
N PHE A 181 -6.34 -2.65 17.17
CA PHE A 181 -5.05 -3.00 17.77
C PHE A 181 -4.53 -1.82 18.62
N LYS A 182 -3.76 -2.15 19.63
CA LYS A 182 -2.92 -1.22 20.28
C LYS A 182 -1.62 -1.38 19.60
N VAL A 183 -1.02 -0.26 19.23
CA VAL A 183 0.12 -0.29 18.34
C VAL A 183 1.34 0.00 19.16
N LEU A 184 2.33 -0.87 19.11
CA LEU A 184 3.59 -0.65 19.79
C LEU A 184 4.50 0.21 18.95
N ALA A 185 5.54 0.80 19.55
CA ALA A 185 6.37 1.66 18.75
C ALA A 185 7.01 0.88 17.60
N PRO A 186 7.07 1.47 16.37
CA PRO A 186 7.55 0.71 15.24
C PRO A 186 8.98 0.41 15.45
N GLN A 187 9.46 -0.71 14.91
CA GLN A 187 10.89 -0.93 14.91
C GLN A 187 11.41 -0.54 13.53
N ILE A 188 12.30 0.44 13.41
CA ILE A 188 12.75 0.83 12.08
C ILE A 188 14.22 0.60 11.96
N SER A 189 14.62 -0.32 11.09
CA SER A 189 16.00 -0.54 10.82
C SER A 189 16.34 0.25 9.54
N PHE A 190 16.97 1.42 9.70
CA PHE A 190 17.25 2.35 8.58
C PHE A 190 18.40 1.87 7.77
N ALA A 191 18.22 1.74 6.44
CA ALA A 191 19.34 1.55 5.48
C ALA A 191 20.37 0.42 5.76
N PRO A 192 19.88 -0.81 6.01
CA PRO A 192 20.83 -1.89 6.30
C PRO A 192 21.88 -2.14 5.20
N GLU A 193 21.48 -1.94 3.95
CA GLU A 193 22.32 -2.25 2.78
C GLU A 193 23.61 -1.41 2.72
N ILE A 194 23.55 -0.19 3.23
CA ILE A 194 24.76 0.67 3.25
C ILE A 194 25.55 0.45 4.56
N ALA A 195 25.58 -0.85 4.95
CA ALA A 195 26.25 -1.50 6.11
C ALA A 195 26.35 -0.63 7.34
N SER A 196 27.43 -0.68 8.16
CA SER A 196 28.46 -1.75 8.17
C SER A 196 27.94 -3.10 8.70
N GLU A 197 28.67 -4.16 8.39
CA GLU A 197 28.57 -5.47 9.03
C GLU A 197 28.82 -5.37 10.55
N GLU A 198 28.17 -4.44 11.24
CA GLU A 198 28.54 -4.09 12.61
C GLU A 198 27.41 -3.24 13.13
N GLU A 199 27.00 -2.28 12.30
CA GLU A 199 25.80 -1.55 12.57
C GLU A 199 24.64 -2.50 12.28
N ARG A 200 24.88 -3.41 11.33
CA ARG A 200 23.94 -4.45 10.95
C ARG A 200 23.70 -5.42 12.12
N LYS A 201 24.76 -6.13 12.52
CA LYS A 201 24.77 -6.86 13.80
C LYS A 201 24.17 -6.09 14.96
N GLY A 202 24.48 -4.81 15.03
CA GLY A 202 23.96 -3.96 16.12
C GLY A 202 22.47 -3.64 16.02
N MET A 203 21.94 -3.52 14.80
CA MET A 203 20.49 -3.33 14.59
C MET A 203 19.69 -4.63 14.89
N VAL A 204 20.24 -5.76 14.46
CA VAL A 204 19.72 -7.09 14.77
C VAL A 204 19.72 -7.29 16.31
N ALA A 205 20.88 -7.16 16.95
CA ALA A 205 20.95 -7.23 18.40
C ALA A 205 19.91 -6.33 19.04
N ALA A 206 19.75 -5.08 18.61
CA ALA A 206 18.79 -4.16 19.27
C ALA A 206 17.34 -4.65 19.25
N TRP A 207 17.04 -5.37 18.18
CA TRP A 207 15.73 -5.90 17.92
C TRP A 207 15.54 -7.11 18.87
N SER A 208 16.50 -8.01 18.84
CA SER A 208 16.53 -9.13 19.78
C SER A 208 16.42 -8.65 21.24
N GLN A 209 17.20 -7.63 21.63
CA GLN A 209 17.10 -7.05 22.97
C GLN A 209 15.78 -6.41 23.21
N ARG A 210 15.23 -5.70 22.22
CA ARG A 210 13.90 -5.12 22.48
C ARG A 210 12.85 -6.23 22.75
N LEU A 211 12.89 -7.33 21.99
CA LEU A 211 11.90 -8.41 22.16
C LEU A 211 11.90 -9.02 23.60
N GLN A 212 13.04 -8.96 24.27
CA GLN A 212 13.15 -9.36 25.69
C GLN A 212 12.14 -8.76 26.65
N THR A 213 11.76 -7.51 26.44
CA THR A 213 10.87 -6.78 27.35
C THR A 213 9.67 -6.25 26.59
N ILE A 214 9.37 -6.94 25.48
CA ILE A 214 8.28 -6.53 24.57
C ILE A 214 6.95 -6.47 25.34
N TRP A 215 6.75 -7.42 26.27
CA TRP A 215 5.50 -7.47 27.07
C TRP A 215 5.39 -6.37 28.17
N LYS A 216 6.47 -5.69 28.46
CA LYS A 216 6.41 -4.60 29.39
C LYS A 216 6.06 -3.27 28.69
N GLU A 217 6.06 -3.25 27.33
CA GLU A 217 5.83 -1.98 26.63
C GLU A 217 4.43 -1.43 26.75
N GLU A 218 4.29 -0.11 26.78
CA GLU A 218 3.00 0.57 26.55
C GLU A 218 2.85 0.89 25.04
N PRO A 219 1.63 0.75 24.47
CA PRO A 219 1.31 1.21 23.08
C PRO A 219 1.47 2.74 22.89
N ILE A 220 1.68 3.18 21.65
CA ILE A 220 1.78 4.60 21.36
C ILE A 220 0.40 5.23 21.44
N PRO A 221 0.34 6.58 21.65
CA PRO A 221 -0.99 7.20 21.50
C PRO A 221 -1.20 7.31 19.96
N CYS A 222 -2.10 6.51 19.38
CA CYS A 222 -2.11 6.42 17.90
C CYS A 222 -2.97 7.55 17.34
N THR A 223 -2.40 8.74 17.26
CA THR A 223 -3.23 9.92 17.05
C THR A 223 -2.60 10.71 15.93
N ALA A 224 -3.39 11.57 15.28
CA ALA A 224 -2.82 12.54 14.35
C ALA A 224 -1.69 13.30 15.06
N HIS A 225 -1.93 13.68 16.31
CA HIS A 225 -0.85 14.35 17.04
C HIS A 225 0.49 13.59 17.13
N TRP A 226 0.45 12.28 17.44
CA TRP A 226 1.71 11.49 17.48
C TRP A 226 2.43 11.46 16.11
N HIS A 227 1.68 11.37 15.02
CA HIS A 227 2.29 11.25 13.67
C HIS A 227 2.80 12.58 13.10
N PHE A 228 2.05 13.66 13.34
CA PHE A 228 2.26 14.86 12.50
C PHE A 228 2.74 16.11 13.26
N GLY A 229 2.27 16.26 14.49
CA GLY A 229 2.51 17.48 15.29
C GLY A 229 3.76 17.50 16.18
N GLN A 230 3.74 18.34 17.22
CA GLN A 230 4.88 18.45 18.14
C GLN A 230 4.57 18.01 19.58
N ALA B 1 -1.08 19.64 -27.18
CA ALA B 1 -1.91 18.88 -28.19
C ALA B 1 -1.02 18.35 -29.34
N GLY B 2 -1.09 17.05 -29.68
CA GLY B 2 -1.91 16.02 -29.02
C GLY B 2 -1.28 15.51 -27.72
N LYS B 3 -2.05 14.74 -26.96
CA LYS B 3 -1.55 14.23 -25.67
C LYS B 3 -1.94 12.75 -25.53
N LYS B 4 -1.14 11.98 -24.79
CA LYS B 4 -1.49 10.64 -24.51
C LYS B 4 -1.82 10.53 -23.02
N VAL B 5 -2.87 9.80 -22.69
CA VAL B 5 -3.24 9.51 -21.34
C VAL B 5 -3.32 8.04 -21.05
N LEU B 6 -2.77 7.63 -19.90
CA LEU B 6 -2.82 6.27 -19.41
C LEU B 6 -3.65 6.35 -18.13
N ILE B 7 -4.74 5.60 -18.13
CA ILE B 7 -5.52 5.39 -16.94
C ILE B 7 -5.19 4.03 -16.36
N VAL B 8 -4.61 4.02 -15.17
CA VAL B 8 -4.38 2.76 -14.43
C VAL B 8 -5.58 2.56 -13.48
N TYR B 9 -6.41 1.56 -13.78
CA TYR B 9 -7.69 1.43 -13.14
C TYR B 9 -7.72 0.18 -12.29
N ALA B 10 -8.14 0.31 -11.03
CA ALA B 10 -8.21 -0.85 -10.11
C ALA B 10 -9.55 -1.05 -9.42
N HIS B 11 -10.50 -1.60 -10.16
CA HIS B 11 -11.77 -1.98 -9.59
C HIS B 11 -12.26 -3.23 -10.28
N GLN B 12 -12.91 -4.12 -9.50
CA GLN B 12 -13.36 -5.45 -9.99
C GLN B 12 -14.67 -5.41 -10.84
N GLU B 13 -15.46 -4.36 -10.62
CA GLU B 13 -16.81 -4.38 -11.10
C GLU B 13 -17.07 -3.24 -12.12
N PRO B 14 -17.33 -3.60 -13.38
CA PRO B 14 -17.52 -2.53 -14.39
C PRO B 14 -18.72 -1.58 -14.09
N LYS B 15 -19.77 -2.05 -13.41
CA LYS B 15 -20.92 -1.16 -13.10
C LYS B 15 -20.68 -0.30 -11.89
N SER B 16 -19.45 -0.25 -11.35
CA SER B 16 -19.22 0.48 -10.09
C SER B 16 -19.00 1.98 -10.30
N PHE B 17 -18.87 2.68 -9.20
CA PHE B 17 -18.68 4.12 -9.21
C PHE B 17 -17.29 4.47 -9.76
N ASN B 18 -16.31 3.64 -9.37
CA ASN B 18 -15.01 3.62 -10.06
C ASN B 18 -15.10 3.36 -11.56
N GLY B 19 -15.85 2.34 -11.97
CA GLY B 19 -15.98 2.09 -13.40
C GLY B 19 -16.61 3.28 -14.13
N SER B 20 -17.61 3.93 -13.51
CA SER B 20 -18.21 5.15 -14.11
C SER B 20 -17.22 6.30 -14.15
N LEU B 21 -16.37 6.47 -13.15
CA LEU B 21 -15.39 7.56 -13.22
C LEU B 21 -14.37 7.28 -14.31
N LYS B 22 -13.86 6.05 -14.38
CA LYS B 22 -12.95 5.66 -15.46
C LYS B 22 -13.61 5.82 -16.87
N ASN B 23 -14.86 5.43 -17.02
CA ASN B 23 -15.57 5.63 -18.29
C ASN B 23 -15.79 7.08 -18.67
N VAL B 24 -16.12 7.96 -17.71
CA VAL B 24 -16.27 9.36 -18.13
C VAL B 24 -14.91 9.94 -18.47
N ALA B 25 -13.86 9.44 -17.83
CA ALA B 25 -12.54 9.94 -18.18
C ALA B 25 -12.17 9.56 -19.61
N VAL B 26 -12.42 8.31 -19.99
CA VAL B 26 -12.12 7.82 -21.33
C VAL B 26 -13.00 8.63 -22.32
N ASP B 27 -14.29 8.73 -22.04
CA ASP B 27 -15.22 9.49 -22.91
C ASP B 27 -14.76 10.95 -23.10
N GLU B 28 -14.47 11.65 -22.00
CA GLU B 28 -14.12 13.08 -22.07
C GLU B 28 -12.76 13.31 -22.75
N LEU B 29 -11.76 12.51 -22.38
CA LEU B 29 -10.46 12.69 -23.02
C LEU B 29 -10.50 12.28 -24.52
N SER B 30 -11.25 11.24 -24.82
CA SER B 30 -11.42 10.81 -26.21
C SER B 30 -12.12 11.93 -27.03
N ARG B 31 -13.19 12.51 -26.47
CA ARG B 31 -13.89 13.65 -27.10
C ARG B 31 -12.91 14.78 -27.43
N GLN B 32 -11.99 15.11 -26.52
CA GLN B 32 -11.01 16.21 -26.75
C GLN B 32 -10.00 15.89 -27.83
N GLY B 33 -9.92 14.64 -28.22
CA GLY B 33 -9.00 14.19 -29.29
C GLY B 33 -7.73 13.53 -28.67
N CYS B 34 -7.65 13.40 -27.33
CA CYS B 34 -6.45 12.78 -26.71
C CYS B 34 -6.38 11.29 -27.08
N THR B 35 -5.17 10.75 -27.04
CA THR B 35 -4.93 9.32 -27.16
C THR B 35 -5.12 8.70 -25.75
N VAL B 36 -5.94 7.66 -25.62
CA VAL B 36 -6.30 7.09 -24.29
C VAL B 36 -6.00 5.58 -24.25
N THR B 37 -5.36 5.14 -23.18
CA THR B 37 -5.12 3.72 -22.91
C THR B 37 -5.55 3.44 -21.48
N VAL B 38 -6.15 2.28 -21.25
CA VAL B 38 -6.61 1.92 -19.89
C VAL B 38 -5.88 0.58 -19.55
N SER B 39 -5.22 0.54 -18.40
CA SER B 39 -4.73 -0.73 -17.86
C SER B 39 -5.75 -1.13 -16.81
N ASP B 40 -6.58 -2.10 -17.15
CA ASP B 40 -7.67 -2.48 -16.23
C ASP B 40 -7.10 -3.63 -15.40
N LEU B 41 -6.50 -3.30 -14.26
CA LEU B 41 -5.70 -4.33 -13.61
C LEU B 41 -6.38 -5.69 -13.27
N TYR B 42 -7.57 -5.69 -12.71
CA TYR B 42 -8.22 -6.95 -12.34
C TYR B 42 -8.53 -7.74 -13.61
N ALA B 43 -8.90 -7.03 -14.67
CA ALA B 43 -9.27 -7.71 -15.92
C ALA B 43 -8.03 -8.33 -16.55
N MET B 44 -6.88 -7.71 -16.37
CA MET B 44 -5.61 -8.29 -16.85
C MET B 44 -5.10 -9.38 -15.88
N ASN B 45 -5.76 -9.58 -14.73
CA ASN B 45 -5.21 -10.46 -13.67
C ASN B 45 -3.73 -10.06 -13.35
N PHE B 46 -3.51 -8.74 -13.28
CA PHE B 46 -2.19 -8.21 -13.13
C PHE B 46 -1.53 -8.77 -11.86
N GLU B 47 -0.27 -9.21 -12.03
CA GLU B 47 0.55 -9.84 -10.98
C GLU B 47 1.07 -8.81 -9.98
N PRO B 48 0.64 -8.94 -8.74
CA PRO B 48 1.03 -7.85 -7.82
C PRO B 48 2.32 -8.17 -7.04
N ARG B 49 2.74 -9.43 -7.03
CA ARG B 49 3.90 -9.86 -6.22
C ARG B 49 5.24 -9.63 -6.91
N ALA B 50 6.17 -9.11 -6.12
CA ALA B 50 7.56 -8.85 -6.56
C ALA B 50 8.35 -10.12 -6.31
N THR B 51 8.52 -10.91 -7.36
CA THR B 51 9.19 -12.22 -7.20
C THR B 51 10.30 -12.39 -8.23
N ASP B 52 11.07 -13.49 -8.07
CA ASP B 52 12.15 -13.79 -9.03
C ASP B 52 11.64 -14.16 -10.40
N LYS B 53 10.34 -14.39 -10.51
CA LYS B 53 9.76 -14.56 -11.82
C LYS B 53 9.78 -13.29 -12.65
N ASP B 54 10.07 -12.13 -12.04
CA ASP B 54 10.05 -10.86 -12.83
C ASP B 54 11.32 -10.69 -13.63
N ILE B 55 12.27 -11.58 -13.43
CA ILE B 55 13.55 -11.50 -14.10
C ILE B 55 13.71 -12.80 -14.84
N THR B 56 14.09 -12.72 -16.10
CA THR B 56 14.22 -13.99 -16.88
C THR B 56 15.68 -14.28 -17.32
N GLY B 57 16.59 -13.35 -17.06
CA GLY B 57 17.99 -13.60 -17.43
C GLY B 57 18.78 -14.14 -16.26
N THR B 58 20.07 -14.37 -16.51
CA THR B 58 21.01 -14.78 -15.49
C THR B 58 20.93 -13.76 -14.35
N LEU B 59 20.88 -14.23 -13.10
CA LEU B 59 20.76 -13.30 -12.00
C LEU B 59 22.13 -12.79 -11.72
N SER B 60 22.21 -11.53 -11.34
CA SER B 60 23.48 -10.94 -10.92
C SER B 60 24.03 -11.62 -9.64
N ASN B 61 23.17 -12.05 -8.75
CA ASN B 61 23.60 -12.78 -7.54
C ASN B 61 22.63 -13.89 -7.31
N PRO B 62 22.89 -15.06 -7.89
CA PRO B 62 21.84 -16.09 -7.88
C PRO B 62 21.74 -16.86 -6.54
N GLU B 63 22.54 -16.45 -5.55
CA GLU B 63 22.67 -17.10 -4.24
C GLU B 63 21.83 -16.36 -3.18
N VAL B 64 21.74 -15.03 -3.33
CA VAL B 64 20.98 -14.17 -2.45
C VAL B 64 20.13 -13.22 -3.36
N PHE B 65 18.83 -13.48 -3.40
CA PHE B 65 17.94 -12.76 -4.28
C PHE B 65 17.58 -11.40 -3.66
N ASN B 66 17.93 -10.30 -4.36
CA ASN B 66 17.60 -8.95 -3.93
C ASN B 66 16.77 -8.36 -5.10
N TYR B 67 15.46 -8.19 -4.84
CA TYR B 67 14.51 -7.79 -5.87
C TYR B 67 14.92 -6.45 -6.56
N GLY B 68 15.24 -5.42 -5.77
CA GLY B 68 15.67 -4.13 -6.29
C GLY B 68 16.89 -4.28 -7.22
N VAL B 69 17.89 -5.02 -6.74
CA VAL B 69 19.13 -5.16 -7.53
C VAL B 69 18.83 -5.89 -8.86
N GLU B 70 18.16 -7.02 -8.76
CA GLU B 70 17.89 -7.88 -9.92
C GLU B 70 16.94 -7.23 -10.98
N THR B 71 15.90 -6.51 -10.54
CA THR B 71 15.08 -5.76 -11.49
C THR B 71 15.79 -4.56 -12.15
N HIS B 72 16.66 -3.85 -11.44
CA HIS B 72 17.39 -2.75 -12.05
C HIS B 72 18.34 -3.27 -13.14
N GLU B 73 18.97 -4.42 -12.86
CA GLU B 73 19.86 -5.08 -13.81
C GLU B 73 19.11 -5.61 -14.98
N ALA B 74 17.99 -6.25 -14.69
CA ALA B 74 17.18 -6.83 -15.74
C ALA B 74 16.59 -5.72 -16.64
N TYR B 75 16.21 -4.61 -16.03
CA TYR B 75 15.76 -3.47 -16.81
C TYR B 75 16.86 -3.04 -17.86
N LYS B 76 18.11 -2.84 -17.40
CA LYS B 76 19.20 -2.42 -18.30
C LYS B 76 19.49 -3.45 -19.39
N GLN B 77 19.36 -4.71 -19.03
CA GLN B 77 19.59 -5.82 -19.92
C GLN B 77 18.45 -6.21 -20.79
N ARG B 78 17.24 -5.74 -20.48
CA ARG B 78 15.99 -6.22 -21.10
C ARG B 78 15.69 -7.69 -20.88
N SER B 79 15.67 -8.05 -19.59
CA SER B 79 15.24 -9.38 -19.26
C SER B 79 14.10 -9.35 -18.25
N LEU B 80 13.39 -8.22 -18.14
CA LEU B 80 12.27 -8.14 -17.20
C LEU B 80 11.14 -8.94 -17.82
N ALA B 81 10.25 -9.49 -17.00
CA ALA B 81 9.03 -10.10 -17.54
C ALA B 81 8.28 -9.11 -18.41
N SER B 82 7.70 -9.60 -19.50
CA SER B 82 7.08 -8.65 -20.45
C SER B 82 5.80 -7.98 -19.92
N ASP B 83 5.18 -8.48 -18.84
CA ASP B 83 4.00 -7.76 -18.32
C ASP B 83 4.42 -6.41 -17.73
N ILE B 84 5.67 -6.35 -17.23
CA ILE B 84 6.24 -5.14 -16.65
C ILE B 84 6.62 -4.17 -17.79
N THR B 85 7.31 -4.67 -18.79
CA THR B 85 7.69 -3.85 -19.91
C THR B 85 6.48 -3.38 -20.72
N ASP B 86 5.40 -4.17 -20.83
CA ASP B 86 4.16 -3.63 -21.45
C ASP B 86 3.69 -2.36 -20.70
N GLU B 87 3.70 -2.41 -19.37
CA GLU B 87 3.26 -1.27 -18.63
C GLU B 87 4.19 -0.06 -18.75
N GLN B 88 5.47 -0.33 -18.70
CA GLN B 88 6.47 0.72 -18.88
C GLN B 88 6.35 1.45 -20.23
N LYS B 89 6.12 0.70 -21.31
CA LYS B 89 5.88 1.39 -22.60
C LYS B 89 4.70 2.38 -22.50
N LYS B 90 3.60 1.94 -21.90
CA LYS B 90 2.39 2.78 -21.75
C LYS B 90 2.69 4.08 -20.93
N VAL B 91 3.44 3.87 -19.86
CA VAL B 91 3.87 4.98 -19.03
C VAL B 91 4.88 5.90 -19.80
N ARG B 92 5.85 5.28 -20.49
CA ARG B 92 6.87 6.04 -21.23
C ARG B 92 6.18 6.96 -22.25
N GLU B 93 5.19 6.44 -22.97
CA GLU B 93 4.56 7.24 -24.00
C GLU B 93 3.55 8.25 -23.44
N ALA B 94 3.05 8.04 -22.24
CA ALA B 94 1.99 8.92 -21.72
C ALA B 94 2.48 10.31 -21.31
N ASP B 95 1.62 11.31 -21.48
CA ASP B 95 1.91 12.66 -20.90
C ASP B 95 1.29 12.83 -19.55
N LEU B 96 0.27 12.02 -19.27
CA LEU B 96 -0.57 12.08 -18.05
C LEU B 96 -0.96 10.65 -17.66
N VAL B 97 -0.76 10.34 -16.39
CA VAL B 97 -1.16 9.04 -15.85
C VAL B 97 -2.16 9.33 -14.74
N ILE B 98 -3.35 8.78 -14.90
CA ILE B 98 -4.47 8.90 -13.94
C ILE B 98 -4.58 7.53 -13.32
N PHE B 99 -4.64 7.52 -12.00
CA PHE B 99 -4.86 6.29 -11.29
C PHE B 99 -6.26 6.38 -10.75
N GLN B 100 -7.06 5.38 -11.07
CA GLN B 100 -8.50 5.37 -10.64
C GLN B 100 -8.71 4.21 -9.71
N PHE B 101 -9.13 4.45 -8.47
CA PHE B 101 -9.24 3.35 -7.52
C PHE B 101 -10.02 3.73 -6.27
N PRO B 102 -10.63 2.72 -5.62
CA PRO B 102 -11.17 2.86 -4.27
C PRO B 102 -10.05 2.85 -3.24
N LEU B 103 -10.12 3.71 -2.21
CA LEU B 103 -9.15 3.73 -1.14
C LEU B 103 -9.28 2.41 -0.38
N TYR B 104 -8.17 1.69 -0.21
CA TYR B 104 -8.19 0.45 0.59
C TYR B 104 -7.20 0.63 1.68
N TRP B 105 -7.65 0.71 2.92
CA TRP B 105 -6.72 0.92 4.05
C TRP B 105 -5.80 2.12 3.84
N PHE B 106 -6.42 3.26 3.55
CA PHE B 106 -5.73 4.55 3.40
C PHE B 106 -4.70 4.50 2.26
N SER B 107 -4.85 3.56 1.28
CA SER B 107 -3.85 3.41 0.26
C SER B 107 -4.55 2.89 -0.99
N VAL B 108 -3.73 2.43 -1.94
CA VAL B 108 -4.25 1.75 -3.13
C VAL B 108 -4.57 0.26 -2.83
N PRO B 109 -5.57 -0.31 -3.55
CA PRO B 109 -5.71 -1.80 -3.48
C PRO B 109 -4.40 -2.50 -3.84
N ALA B 110 -4.15 -3.62 -3.18
CA ALA B 110 -2.93 -4.36 -3.42
C ALA B 110 -2.54 -4.54 -4.91
N ILE B 111 -3.52 -4.83 -5.76
CA ILE B 111 -3.23 -5.09 -7.17
C ILE B 111 -2.57 -3.88 -7.82
N LEU B 112 -3.03 -2.71 -7.43
CA LEU B 112 -2.41 -1.45 -7.87
C LEU B 112 -1.11 -1.18 -7.13
N LYS B 113 -1.00 -1.52 -5.84
CA LYS B 113 0.33 -1.39 -5.18
C LYS B 113 1.38 -2.19 -5.93
N GLY B 114 0.97 -3.38 -6.41
CA GLY B 114 1.89 -4.29 -7.12
C GLY B 114 2.30 -3.68 -8.46
N TRP B 115 1.38 -2.98 -9.11
CA TRP B 115 1.78 -2.24 -10.34
C TRP B 115 2.85 -1.21 -9.95
N MET B 116 2.65 -0.41 -8.89
CA MET B 116 3.69 0.56 -8.55
CA MET B 116 3.65 0.55 -8.43
C MET B 116 4.99 -0.17 -8.17
N ASP B 117 4.91 -1.25 -7.37
CA ASP B 117 6.17 -1.90 -6.94
C ASP B 117 6.97 -2.50 -8.15
N ARG B 118 6.26 -3.10 -9.09
CA ARG B 118 6.92 -3.84 -10.18
C ARG B 118 7.18 -2.98 -11.41
N VAL B 119 6.30 -1.99 -11.71
CA VAL B 119 6.50 -1.25 -12.96
C VAL B 119 7.51 -0.12 -12.79
N LEU B 120 7.46 0.57 -11.64
CA LEU B 120 8.36 1.71 -11.44
C LEU B 120 9.72 1.32 -10.92
N CYS B 121 10.45 0.55 -11.70
CA CYS B 121 11.72 0.01 -11.29
C CYS B 121 12.84 0.99 -11.49
N GLN B 122 13.93 0.72 -10.79
CA GLN B 122 15.10 1.57 -10.91
C GLN B 122 15.68 1.44 -12.32
N GLY B 123 16.15 2.56 -12.88
CA GLY B 123 16.54 2.53 -14.30
C GLY B 123 15.45 3.06 -15.19
N PHE B 124 14.19 2.69 -14.91
CA PHE B 124 13.09 3.11 -15.74
C PHE B 124 12.48 4.41 -15.13
N ALA B 125 12.16 4.36 -13.85
CA ALA B 125 11.35 5.42 -13.22
C ALA B 125 12.17 6.38 -12.36
N PHE B 126 13.31 5.90 -11.89
CA PHE B 126 14.23 6.67 -11.06
C PHE B 126 15.62 6.05 -11.17
N ASP B 127 16.63 6.81 -10.77
CA ASP B 127 17.92 6.24 -10.51
C ASP B 127 18.47 6.81 -9.22
N ILE B 128 19.54 6.20 -8.73
CA ILE B 128 20.23 6.69 -7.52
C ILE B 128 21.62 7.11 -8.00
N PRO B 129 21.84 8.44 -8.15
CA PRO B 129 20.88 9.58 -7.93
C PRO B 129 19.98 9.77 -9.15
N GLY B 130 19.01 10.70 -9.08
CA GLY B 130 17.98 10.83 -10.12
C GLY B 130 16.58 10.46 -9.63
N PHE B 131 16.14 11.23 -8.67
CA PHE B 131 14.86 11.02 -8.08
C PHE B 131 14.35 12.38 -7.59
N TYR B 132 13.14 12.40 -7.04
CA TYR B 132 12.33 13.59 -6.82
C TYR B 132 12.37 14.46 -8.06
N ASP B 133 12.83 15.71 -7.95
CA ASP B 133 12.75 16.63 -9.07
C ASP B 133 13.66 16.13 -10.20
N SER B 134 14.62 15.26 -9.87
CA SER B 134 15.44 14.59 -10.91
C SER B 134 14.98 13.15 -11.29
N GLY B 135 13.75 12.75 -10.92
CA GLY B 135 13.27 11.43 -11.30
C GLY B 135 13.14 11.31 -12.80
N LEU B 136 13.18 10.07 -13.29
CA LEU B 136 13.29 9.81 -14.73
C LEU B 136 11.97 10.05 -15.45
N LEU B 137 10.85 10.13 -14.73
CA LEU B 137 9.55 10.38 -15.37
C LEU B 137 9.22 11.88 -15.38
N GLN B 138 10.24 12.71 -15.12
CA GLN B 138 10.04 14.18 -15.17
C GLN B 138 9.47 14.67 -16.48
N GLY B 139 8.62 15.67 -16.37
CA GLY B 139 7.95 16.18 -17.53
C GLY B 139 6.58 15.52 -17.69
N LYS B 140 6.23 14.51 -16.87
CA LYS B 140 4.94 13.85 -16.97
C LYS B 140 4.09 14.28 -15.82
N LEU B 141 2.79 14.26 -16.05
CA LEU B 141 1.79 14.52 -15.02
C LEU B 141 1.18 13.18 -14.50
N ALA B 142 0.77 13.19 -13.26
CA ALA B 142 0.03 12.10 -12.67
C ALA B 142 -1.04 12.69 -11.78
N LEU B 143 -2.14 11.93 -11.64
CA LEU B 143 -3.29 12.40 -10.90
C LEU B 143 -3.93 11.23 -10.19
N LEU B 144 -4.17 11.33 -8.87
CA LEU B 144 -5.01 10.31 -8.18
C LEU B 144 -6.47 10.62 -8.20
N SER B 145 -7.26 9.71 -8.72
CA SER B 145 -8.69 9.84 -8.62
C SER B 145 -9.19 8.74 -7.69
N VAL B 146 -9.58 9.11 -6.47
CA VAL B 146 -9.75 8.16 -5.39
C VAL B 146 -11.20 8.21 -4.96
N THR B 147 -11.79 7.06 -4.64
CA THR B 147 -13.13 7.06 -4.02
C THR B 147 -12.98 6.56 -2.57
N THR B 148 -13.84 7.02 -1.65
CA THR B 148 -13.79 6.56 -0.23
C THR B 148 -15.09 5.98 0.33
N GLY B 149 -14.97 5.23 1.45
CA GLY B 149 -16.14 4.81 2.18
C GLY B 149 -16.51 5.93 3.14
N GLY B 150 -15.48 6.61 3.67
CA GLY B 150 -15.59 7.65 4.68
C GLY B 150 -15.97 9.01 4.05
N THR B 151 -16.72 9.81 4.83
CA THR B 151 -17.19 11.10 4.35
C THR B 151 -16.12 12.16 4.38
N ALA B 152 -16.34 13.22 3.61
CA ALA B 152 -15.40 14.38 3.70
C ALA B 152 -15.15 14.84 5.16
N GLU B 153 -16.19 14.93 5.97
CA GLU B 153 -16.02 15.41 7.36
C GLU B 153 -15.05 14.49 8.20
N MET B 154 -15.26 13.18 8.05
CA MET B 154 -14.31 12.18 8.63
C MET B 154 -12.86 12.42 8.30
N TYR B 155 -12.62 12.82 7.05
CA TYR B 155 -11.27 13.14 6.53
C TYR B 155 -10.85 14.62 6.68
N THR B 156 -11.01 15.16 7.88
CA THR B 156 -10.55 16.50 8.24
C THR B 156 -9.52 16.37 9.36
N LYS B 157 -8.76 17.43 9.57
CA LYS B 157 -7.75 17.43 10.63
C LYS B 157 -8.36 16.98 11.97
N THR B 158 -9.60 17.37 12.24
CA THR B 158 -10.20 17.03 13.52
C THR B 158 -11.18 15.83 13.41
N GLY B 159 -11.33 15.27 12.20
CA GLY B 159 -12.27 14.15 11.98
C GLY B 159 -11.59 12.87 12.43
N VAL B 160 -12.31 11.75 12.54
CA VAL B 160 -11.64 10.49 13.05
C VAL B 160 -10.48 9.99 12.18
N ASN B 161 -10.60 10.25 10.86
CA ASN B 161 -9.63 9.76 9.85
C ASN B 161 -8.41 10.64 9.60
N GLY B 162 -8.37 11.85 10.17
CA GLY B 162 -7.27 12.77 9.84
C GLY B 162 -7.60 13.46 8.49
N ASP B 163 -6.81 14.48 8.14
CA ASP B 163 -7.06 15.10 6.84
C ASP B 163 -6.77 14.12 5.66
N SER B 164 -7.60 14.20 4.62
CA SER B 164 -7.45 13.39 3.39
C SER B 164 -6.01 13.51 2.83
N ARG B 165 -5.43 14.70 2.88
CA ARG B 165 -4.06 14.88 2.37
C ARG B 165 -3.00 14.02 3.12
N TYR B 166 -3.28 13.66 4.39
CA TYR B 166 -2.34 12.79 5.09
C TYR B 166 -2.12 11.43 4.37
N PHE B 167 -3.19 10.76 3.97
CA PHE B 167 -3.05 9.42 3.33
C PHE B 167 -2.52 9.54 1.86
N LEU B 168 -2.57 10.75 1.31
CA LEU B 168 -2.03 10.98 -0.03
C LEU B 168 -0.49 10.98 -0.06
N TRP B 169 0.15 11.20 1.08
CA TRP B 169 1.61 11.42 1.13
C TRP B 169 2.47 10.26 0.50
N PRO B 170 2.25 8.99 0.92
CA PRO B 170 3.06 7.87 0.42
C PRO B 170 2.91 7.76 -1.11
N LEU B 171 1.73 8.06 -1.61
CA LEU B 171 1.42 7.92 -3.04
C LEU B 171 1.90 9.12 -3.84
N GLN B 172 1.46 10.33 -3.46
CA GLN B 172 1.89 11.53 -4.20
C GLN B 172 3.38 11.85 -4.09
N HIS B 173 3.91 11.78 -2.88
CA HIS B 173 5.28 12.19 -2.62
C HIS B 173 6.22 11.02 -2.69
N GLY B 174 5.88 9.99 -1.92
CA GLY B 174 6.89 8.94 -1.75
C GLY B 174 7.04 8.13 -3.04
N THR B 175 5.98 8.12 -3.87
CA THR B 175 6.00 7.36 -5.13
C THR B 175 6.07 8.31 -6.37
N LEU B 176 5.02 9.06 -6.65
CA LEU B 176 5.00 9.83 -7.89
C LEU B 176 6.05 10.94 -7.95
N HIS B 177 6.08 11.87 -6.97
CA HIS B 177 7.14 12.91 -6.95
C HIS B 177 8.53 12.23 -7.02
N PHE B 178 8.71 11.12 -6.29
CA PHE B 178 9.99 10.46 -6.23
C PHE B 178 10.44 10.07 -7.64
N CYS B 179 9.50 9.64 -8.47
CA CYS B 179 9.84 9.21 -9.85
C CYS B 179 9.89 10.45 -10.76
N GLY B 180 9.59 11.63 -10.19
CA GLY B 180 9.71 12.84 -11.03
C GLY B 180 8.45 13.36 -11.65
N PHE B 181 7.31 12.72 -11.39
CA PHE B 181 6.09 13.26 -11.93
C PHE B 181 5.79 14.63 -11.27
N LYS B 182 5.10 15.46 -12.02
CA LYS B 182 4.45 16.62 -11.43
C LYS B 182 3.06 16.08 -11.07
N VAL B 183 2.62 16.31 -9.86
CA VAL B 183 1.35 15.81 -9.37
C VAL B 183 0.25 16.89 -9.45
N LEU B 184 -0.86 16.54 -10.08
CA LEU B 184 -1.99 17.39 -10.18
C LEU B 184 -2.82 17.13 -8.93
N ALA B 185 -3.70 18.07 -8.61
CA ALA B 185 -4.55 17.94 -7.44
C ALA B 185 -5.37 16.64 -7.52
N PRO B 186 -5.50 15.95 -6.37
CA PRO B 186 -6.21 14.71 -6.33
C PRO B 186 -7.65 15.00 -6.62
N GLN B 187 -8.32 14.04 -7.27
CA GLN B 187 -9.75 14.06 -7.35
C GLN B 187 -10.31 13.08 -6.31
N ILE B 188 -10.98 13.57 -5.28
CA ILE B 188 -11.51 12.63 -4.26
C ILE B 188 -12.99 12.67 -4.26
N SER B 189 -13.60 11.51 -4.54
CA SER B 189 -15.05 11.42 -4.57
C SER B 189 -15.43 10.77 -3.24
N PHE B 190 -15.92 11.57 -2.28
CA PHE B 190 -16.18 11.04 -0.94
C PHE B 190 -17.47 10.25 -0.85
N ALA B 191 -17.36 9.04 -0.29
CA ALA B 191 -18.50 8.36 0.28
C ALA B 191 -19.68 8.16 -0.69
N PRO B 192 -19.41 7.67 -1.92
CA PRO B 192 -20.48 7.45 -2.88
C PRO B 192 -21.60 6.46 -2.47
N GLU B 193 -21.23 5.38 -1.80
CA GLU B 193 -22.21 4.42 -1.32
C GLU B 193 -23.24 5.12 -0.42
N ILE B 194 -22.81 6.11 0.37
CA ILE B 194 -23.71 6.87 1.29
C ILE B 194 -24.49 8.00 0.58
N ALA B 195 -23.90 8.55 -0.47
CA ALA B 195 -24.48 9.67 -1.20
C ALA B 195 -25.84 9.35 -1.86
N SER B 196 -26.64 10.37 -2.13
CA SER B 196 -27.86 10.18 -2.93
C SER B 196 -27.53 10.05 -4.41
N GLU B 197 -28.55 9.65 -5.18
CA GLU B 197 -28.46 9.56 -6.63
C GLU B 197 -27.90 10.82 -7.29
N GLU B 198 -28.50 11.95 -6.96
CA GLU B 198 -28.17 13.30 -7.45
C GLU B 198 -26.76 13.65 -7.05
N GLU B 199 -26.40 13.30 -5.82
CA GLU B 199 -25.07 13.64 -5.33
C GLU B 199 -24.04 12.79 -6.06
N ARG B 200 -24.34 11.52 -6.34
CA ARG B 200 -23.42 10.67 -7.09
C ARG B 200 -23.32 11.15 -8.53
N LYS B 201 -24.42 11.65 -9.08
CA LYS B 201 -24.42 12.12 -10.46
C LYS B 201 -23.65 13.41 -10.53
N GLY B 202 -23.73 14.21 -9.48
CA GLY B 202 -22.95 15.42 -9.40
C GLY B 202 -21.46 15.17 -9.33
N MET B 203 -21.07 14.11 -8.60
CA MET B 203 -19.64 13.80 -8.44
C MET B 203 -19.02 13.32 -9.77
N VAL B 204 -19.76 12.51 -10.54
CA VAL B 204 -19.34 12.04 -11.89
C VAL B 204 -19.19 13.27 -12.83
N ALA B 205 -20.20 14.12 -12.85
CA ALA B 205 -20.15 15.31 -13.75
C ALA B 205 -19.06 16.30 -13.31
N ALA B 206 -18.76 16.36 -12.01
CA ALA B 206 -17.69 17.25 -11.56
C ALA B 206 -16.32 16.75 -12.10
N TRP B 207 -16.13 15.43 -12.07
CA TRP B 207 -14.90 14.86 -12.62
C TRP B 207 -14.82 15.10 -14.15
N SER B 208 -15.88 14.75 -14.84
CA SER B 208 -16.02 14.99 -16.28
C SER B 208 -15.65 16.46 -16.61
N GLN B 209 -16.20 17.37 -15.81
CA GLN B 209 -16.06 18.81 -16.08
C GLN B 209 -14.64 19.25 -15.80
N ARG B 210 -14.07 18.78 -14.68
CA ARG B 210 -12.69 19.12 -14.39
C ARG B 210 -11.77 18.63 -15.55
N LEU B 211 -12.07 17.46 -16.16
CA LEU B 211 -11.17 16.99 -17.22
C LEU B 211 -11.19 17.91 -18.47
N GLN B 212 -12.31 18.59 -18.71
CA GLN B 212 -12.40 19.58 -19.81
C GLN B 212 -11.24 20.52 -19.78
N THR B 213 -10.78 20.87 -18.57
CA THR B 213 -9.71 21.87 -18.46
C THR B 213 -8.39 21.36 -17.83
N ILE B 214 -8.21 20.03 -17.83
CA ILE B 214 -7.02 19.41 -17.12
C ILE B 214 -5.67 19.86 -17.64
N TRP B 215 -5.59 20.13 -18.93
CA TRP B 215 -4.31 20.53 -19.58
C TRP B 215 -3.88 21.96 -19.19
N LYS B 216 -4.82 22.69 -18.65
CA LYS B 216 -4.52 24.04 -18.11
C LYS B 216 -4.12 24.07 -16.64
N GLU B 217 -4.24 22.96 -15.89
CA GLU B 217 -3.88 22.98 -14.43
C GLU B 217 -2.41 23.09 -14.17
N GLU B 218 -2.03 23.68 -13.04
CA GLU B 218 -0.69 23.63 -12.52
C GLU B 218 -0.60 22.46 -11.54
N PRO B 219 0.59 21.89 -11.38
CA PRO B 219 0.68 20.83 -10.36
C PRO B 219 0.58 21.42 -8.93
N ILE B 220 0.34 20.56 -7.93
CA ILE B 220 0.41 20.98 -6.52
C ILE B 220 1.91 21.16 -6.17
N PRO B 221 2.24 21.97 -5.12
CA PRO B 221 3.62 21.85 -4.62
C PRO B 221 3.64 20.57 -3.75
N CYS B 222 4.32 19.51 -4.20
CA CYS B 222 4.24 18.21 -3.52
C CYS B 222 5.26 18.25 -2.34
N THR B 223 4.86 18.91 -1.26
CA THR B 223 5.81 19.13 -0.17
C THR B 223 5.14 18.64 1.10
N ALA B 224 5.93 18.46 2.18
CA ALA B 224 5.33 18.28 3.51
C ALA B 224 4.34 19.44 3.88
N HIS B 225 4.67 20.69 3.57
CA HIS B 225 3.75 21.77 3.95
C HIS B 225 2.35 21.58 3.31
N TRP B 226 2.29 21.24 2.01
CA TRP B 226 1.01 20.99 1.34
C TRP B 226 0.23 19.84 1.99
N HIS B 227 0.96 18.80 2.33
CA HIS B 227 0.27 17.62 2.87
C HIS B 227 -0.16 17.79 4.33
N PHE B 228 0.71 18.43 5.10
CA PHE B 228 0.51 18.47 6.55
C PHE B 228 0.29 19.86 7.16
N GLY B 229 0.51 20.95 6.42
CA GLY B 229 0.35 22.31 6.97
C GLY B 229 1.56 22.61 7.84
N GLN B 230 1.49 23.63 8.70
CA GLN B 230 2.71 24.00 9.46
C GLN B 230 2.54 24.16 10.98
ZN ZN C . -4.43 5.87 15.44
PA FAD D . 19.37 -6.92 2.43
O1A FAD D . 19.91 -6.45 1.11
O2A FAD D . 18.79 -8.29 2.28
O5B FAD D . 20.47 -6.85 3.59
C5B FAD D . 21.24 -5.71 3.92
C4B FAD D . 22.61 -6.31 4.24
O4B FAD D . 22.57 -6.99 5.51
C3B FAD D . 22.98 -7.40 3.20
O3B FAD D . 24.34 -7.31 2.80
C2B FAD D . 22.64 -8.68 3.92
O2B FAD D . 23.33 -9.82 3.48
C1B FAD D . 23.03 -8.32 5.33
N9A FAD D . 22.49 -9.26 6.35
C8A FAD D . 21.54 -10.24 6.22
N7A FAD D . 21.38 -10.83 7.43
C5A FAD D . 22.24 -10.24 8.32
C6A FAD D . 22.52 -10.43 9.68
N6A FAD D . 21.98 -11.47 10.34
N1A FAD D . 23.47 -9.65 10.32
C2A FAD D . 24.16 -8.68 9.62
N3A FAD D . 23.88 -8.49 8.27
C4A FAD D . 22.94 -9.24 7.64
N1 FAD D . 13.36 2.22 0.51
C2 FAD D . 12.90 3.35 1.09
O2 FAD D . 13.54 3.92 1.98
N3 FAD D . 11.69 3.91 0.73
C4 FAD D . 10.85 3.33 -0.18
O4 FAD D . 9.74 3.90 -0.41
C4X FAD D . 11.33 2.19 -0.84
N5 FAD D . 10.59 1.58 -1.83
C5X FAD D . 11.03 0.42 -2.45
C6 FAD D . 10.22 -0.18 -3.42
C7 FAD D . 10.71 -1.35 -4.06
C7M FAD D . 9.76 -1.98 -5.10
C8 FAD D . 11.95 -1.93 -3.65
C8M FAD D . 12.55 -3.19 -4.26
C9 FAD D . 12.70 -1.32 -2.66
C9A FAD D . 12.28 -0.13 -2.08
N10 FAD D . 13.04 0.48 -1.07
C10 FAD D . 12.58 1.61 -0.47
C1' FAD D . 14.36 -0.12 -0.61
C2' FAD D . 14.02 -1.25 0.45
O2' FAD D . 13.17 -0.80 1.50
C3' FAD D . 15.31 -1.78 1.06
O3' FAD D . 15.96 -2.42 -0.02
C4' FAD D . 15.09 -2.86 2.12
O4' FAD D . 14.39 -2.33 3.26
C5' FAD D . 16.40 -3.53 2.52
O5' FAD D . 16.09 -4.67 3.33
P FAD D . 16.63 -6.15 2.92
O1P FAD D . 16.16 -6.60 1.54
O2P FAD D . 16.22 -7.17 3.95
O3P FAD D . 18.25 -5.84 2.90
C1 VAP E . 12.75 3.81 -3.29
C2 VAP E . 13.31 4.68 -2.37
C3 VAP E . 14.60 4.43 -1.88
C4 VAP E . 15.34 3.30 -2.30
C5 VAP E . 14.76 2.45 -3.23
C6 VAP E . 13.49 2.70 -3.71
C7 VAP E . 12.54 5.88 -1.88
C8 VAP E . 13.13 6.73 -0.95
C9 VAP E . 14.41 6.43 -0.49
N10 VAP E . 15.18 5.35 -0.99
O11 VAP E . 14.98 7.20 0.35
C12 VAP E . 16.54 5.18 -0.44
O13 VAP E . 16.61 3.05 -1.75
O14 VAP E . 15.47 1.34 -3.62
O15 VAP E . 12.93 1.88 -4.62
C16 VAP E . 11.12 6.20 -2.33
C17 VAP E . 11.72 2.19 -5.30
C18 VAP E . 15.93 1.10 -4.94
C19 VAP E . 17.82 2.55 -2.32
ZN ZN F . 6.44 15.59 -3.08
PA FAD G . -19.92 1.53 -5.49
O1A FAD G . -19.74 0.78 -6.74
O2A FAD G . -20.48 0.65 -4.39
O5B FAD G . -20.86 2.78 -5.84
C5B FAD G . -21.75 3.33 -4.88
C4B FAD G . -23.02 3.54 -5.69
O4B FAD G . -22.78 4.35 -6.85
C3B FAD G . -23.56 2.20 -6.21
O3B FAD G . -24.92 2.06 -5.84
C2B FAD G . -23.37 2.26 -7.70
O2B FAD G . -24.37 1.56 -8.40
C1B FAD G . -23.46 3.74 -7.93
N9A FAD G . -22.98 4.16 -9.26
C8A FAD G . -22.13 3.56 -10.16
N7A FAD G . -22.03 4.39 -11.24
C5A FAD G . -22.82 5.49 -11.04
C6A FAD G . -23.15 6.64 -11.80
N6A FAD G . -22.72 6.88 -13.06
N1A FAD G . -24.02 7.56 -11.27
C2A FAD G . -24.57 7.39 -10.04
N3A FAD G . -24.26 6.25 -9.30
C4A FAD G . -23.40 5.34 -9.80
N1 FAD G . -12.86 3.53 2.76
C2 FAD G . -12.21 4.54 3.39
O2 FAD G . -12.78 5.63 3.49
N3 FAD G . -10.96 4.29 3.94
C4 FAD G . -10.35 3.03 3.84
O4 FAD G . -9.25 2.84 4.33
C4X FAD G . -11.00 2.01 3.22
N5 FAD G . -10.42 0.78 3.17
C5X FAD G . -11.07 -0.23 2.48
C6 FAD G . -10.49 -1.47 2.41
C7 FAD G . -11.15 -2.49 1.72
C7M FAD G . -10.45 -3.84 1.65
C8 FAD G . -12.43 -2.28 1.14
C8M FAD G . -13.18 -3.37 0.41
C9 FAD G . -13.01 -1.01 1.24
C9A FAD G . -12.34 0.00 1.91
N10 FAD G . -12.91 1.27 2.00
C10 FAD G . -12.24 2.27 2.66
C1' FAD G . -14.25 1.61 1.40
C2' FAD G . -14.05 1.84 -0.14
O2' FAD G . -13.03 2.82 -0.38
C3' FAD G . -15.38 2.26 -0.81
O3' FAD G . -16.26 1.20 -0.58
C4' FAD G . -15.22 2.57 -2.30
O4' FAD G . -14.40 3.71 -2.45
C5' FAD G . -16.54 2.96 -3.00
O5' FAD G . -16.29 2.97 -4.39
P FAD G . -17.06 1.93 -5.34
O1P FAD G . -16.80 2.19 -6.78
O2P FAD G . -16.74 0.50 -5.04
O3P FAD G . -18.62 2.34 -5.02
C1 VAP H . -12.31 1.01 6.01
C2 VAP H . -12.73 2.31 6.31
C3 VAP H . -14.00 2.79 5.90
C4 VAP H . -14.87 1.98 5.17
C5 VAP H . -14.45 0.70 4.86
C6 VAP H . -13.18 0.24 5.27
C7 VAP H . -11.83 3.21 7.06
C8 VAP H . -12.24 4.51 7.40
C9 VAP H . -13.50 4.95 6.97
N10 VAP H . -14.38 4.11 6.26
O11 VAP H . -13.91 6.12 7.18
C12 VAP H . -15.68 4.67 5.92
O13 VAP H . -16.09 2.46 4.71
O14 VAP H . -15.37 -0.02 4.11
O15 VAP H . -12.76 -1.02 4.98
C16 VAP H . -10.50 2.69 7.50
C17 VAP H . -11.64 -1.53 5.69
C18 VAP H . -15.36 -1.44 3.92
C19 VAP H . -17.32 1.78 4.44
#